data_1LIL
#
_entry.id   1LIL
#
_cell.length_a   113.170
_cell.length_b   72.540
_cell.length_c   49.250
_cell.angle_alpha   90.00
_cell.angle_beta   90.00
_cell.angle_gamma   90.00
#
_symmetry.space_group_name_H-M   'P 21 21 21'
#
loop_
_entity.id
_entity.type
_entity.pdbx_description
1 polymer 'LAMBDA III BENCE JONES PROTEIN CLE'
2 water water
#
_entity_poly.entity_id   1
_entity_poly.type   'polypeptide(L)'
_entity_poly.pdbx_seq_one_letter_code
;YEVTQPPSLSVSPGQTARITCSGEKLGDAYVCWYQQRPGQSPVVVIYQDNRRPSGIPERFSGSSSGNTATLTISGTQTLD
EADYYCQVWDSNASVVFGGGTKLTVLGQPKAAPSVTLFPPSSEELQANKATLVCLISDFYPGAVTVAWKADSSPVKAGVE
TTTPSKQSNNKYAASSYLSLTPEQWKSHRSYSCQVTHEGSTVEKTVAPTECS
;
_entity_poly.pdbx_strand_id   A,B
#
# COMPACT_ATOMS: atom_id res chain seq x y z
N TYR A 1 -11.03 -15.93 -2.94
CA TYR A 1 -9.88 -16.75 -2.48
C TYR A 1 -8.69 -15.83 -2.52
N GLU A 2 -7.74 -16.09 -1.66
CA GLU A 2 -6.54 -15.24 -1.57
C GLU A 2 -5.72 -15.38 -2.85
N VAL A 3 -5.27 -14.31 -3.44
CA VAL A 3 -4.37 -14.44 -4.63
C VAL A 3 -3.03 -13.97 -4.08
N THR A 4 -1.99 -14.80 -4.00
CA THR A 4 -0.75 -14.32 -3.38
C THR A 4 0.36 -13.87 -4.27
N GLN A 5 0.29 -12.62 -4.72
CA GLN A 5 1.33 -12.06 -5.60
C GLN A 5 2.50 -11.36 -4.92
N PRO A 6 3.70 -11.81 -5.28
CA PRO A 6 4.97 -11.27 -4.79
C PRO A 6 5.09 -9.75 -4.76
N PRO A 7 6.07 -9.23 -4.04
CA PRO A 7 6.36 -7.82 -3.85
C PRO A 7 7.14 -7.07 -4.88
N SER A 8 8.36 -7.46 -5.18
CA SER A 8 9.18 -6.78 -6.23
C SER A 8 9.91 -7.89 -6.97
N LEU A 9 10.47 -7.63 -8.12
CA LEU A 9 11.21 -8.57 -8.98
C LEU A 9 12.22 -7.68 -9.75
N SER A 10 13.43 -7.73 -9.22
CA SER A 10 14.60 -6.99 -9.65
C SER A 10 15.39 -7.67 -10.75
N VAL A 11 15.00 -7.63 -11.98
CA VAL A 11 15.75 -8.27 -13.06
C VAL A 11 16.93 -7.39 -13.52
N SER A 12 17.84 -8.06 -14.23
CA SER A 12 19.00 -7.29 -14.77
C SER A 12 18.68 -7.14 -16.26
N PRO A 13 19.16 -6.03 -16.80
CA PRO A 13 18.89 -5.68 -18.20
C PRO A 13 19.03 -6.87 -19.12
N GLY A 14 17.96 -7.65 -19.18
CA GLY A 14 17.90 -8.82 -20.03
C GLY A 14 17.23 -10.06 -19.50
N GLN A 15 17.46 -10.48 -18.26
CA GLN A 15 16.83 -11.74 -17.83
C GLN A 15 15.34 -11.61 -18.07
N THR A 16 14.73 -12.77 -17.99
CA THR A 16 13.28 -12.87 -18.24
C THR A 16 12.54 -12.97 -16.92
N ALA A 17 11.61 -12.06 -16.79
CA ALA A 17 10.74 -11.94 -15.63
C ALA A 17 10.12 -13.31 -15.38
N ARG A 18 9.54 -13.44 -14.21
CA ARG A 18 8.94 -14.72 -13.80
C ARG A 18 7.95 -14.40 -12.70
N ILE A 19 7.05 -13.48 -13.06
CA ILE A 19 6.01 -12.99 -12.13
C ILE A 19 4.89 -14.02 -12.13
N THR A 20 4.48 -14.40 -10.94
CA THR A 20 3.46 -15.44 -10.77
C THR A 20 2.44 -15.07 -9.72
N CYS A 21 1.25 -15.52 -10.00
CA CYS A 21 0.04 -15.33 -9.18
C CYS A 21 -0.31 -16.73 -8.68
N SER A 22 -0.24 -16.86 -7.36
CA SER A 22 -0.52 -18.14 -6.67
C SER A 22 -1.61 -17.96 -5.63
N GLY A 23 -2.82 -18.00 -6.11
CA GLY A 23 -4.02 -17.89 -5.25
C GLY A 23 -4.39 -19.35 -4.90
N GLU A 24 -5.23 -19.42 -3.90
CA GLU A 24 -5.74 -20.67 -3.32
C GLU A 24 -6.50 -21.60 -4.23
N LYS A 25 -7.29 -21.12 -5.18
CA LYS A 25 -8.04 -22.00 -6.11
C LYS A 25 -7.78 -21.68 -7.56
N LEU A 26 -6.64 -21.28 -8.06
CA LEU A 26 -6.45 -20.86 -9.43
C LEU A 26 -7.08 -21.71 -10.50
N GLY A 27 -7.92 -22.61 -10.09
CA GLY A 27 -8.68 -23.47 -11.07
C GLY A 27 -10.08 -22.78 -10.96
N ASP A 28 -10.64 -22.41 -12.08
CA ASP A 28 -11.95 -21.71 -12.21
C ASP A 28 -11.58 -20.18 -12.28
N ALA A 29 -10.48 -19.95 -13.00
CA ALA A 29 -10.03 -18.56 -13.11
C ALA A 29 -9.36 -18.28 -14.43
N TYR A 30 -9.65 -17.11 -15.01
CA TYR A 30 -9.03 -16.69 -16.30
C TYR A 30 -8.22 -15.47 -15.86
N VAL A 31 -6.92 -15.74 -15.76
CA VAL A 31 -5.98 -14.72 -15.31
C VAL A 31 -5.64 -13.85 -16.52
N CYS A 32 -5.62 -12.59 -16.21
CA CYS A 32 -5.31 -11.44 -17.02
C CYS A 32 -4.11 -10.77 -16.31
N TRP A 33 -3.24 -10.17 -17.09
CA TRP A 33 -2.07 -9.47 -16.56
C TRP A 33 -2.11 -8.00 -16.96
N TYR A 34 -2.12 -7.19 -15.92
CA TYR A 34 -2.16 -5.73 -16.06
C TYR A 34 -0.78 -5.16 -15.71
N GLN A 35 -0.40 -4.21 -16.53
CA GLN A 35 0.90 -3.51 -16.39
C GLN A 35 0.55 -2.02 -16.20
N GLN A 36 1.14 -1.29 -15.31
CA GLN A 36 0.87 0.16 -15.14
C GLN A 36 2.26 0.80 -14.97
N ARG A 37 2.67 1.55 -15.97
CA ARG A 37 3.96 2.32 -15.95
C ARG A 37 3.68 3.62 -15.17
N PRO A 38 4.54 3.96 -14.25
CA PRO A 38 4.50 5.09 -13.34
C PRO A 38 3.34 6.05 -13.46
N GLY A 39 2.26 5.61 -12.82
CA GLY A 39 1.02 6.39 -12.78
C GLY A 39 0.61 6.70 -14.21
N GLN A 40 -0.18 5.75 -14.71
CA GLN A 40 -0.68 5.87 -16.10
C GLN A 40 -1.89 4.91 -16.17
N SER A 41 -2.50 4.94 -17.31
CA SER A 41 -3.63 4.07 -17.66
C SER A 41 -3.02 2.67 -17.80
N PRO A 42 -3.48 1.72 -17.01
CA PRO A 42 -2.96 0.34 -17.02
C PRO A 42 -2.99 -0.22 -18.43
N VAL A 43 -2.45 -1.39 -18.67
CA VAL A 43 -2.43 -2.02 -20.01
C VAL A 43 -2.53 -3.51 -19.79
N VAL A 44 -3.42 -4.22 -20.47
CA VAL A 44 -3.48 -5.69 -20.22
C VAL A 44 -2.47 -6.36 -21.16
N VAL A 45 -1.73 -7.29 -20.61
CA VAL A 45 -0.72 -7.97 -21.43
C VAL A 45 -1.03 -9.42 -21.68
N ILE A 46 -1.92 -10.03 -20.93
CA ILE A 46 -2.36 -11.41 -21.04
C ILE A 46 -3.80 -11.57 -20.51
N TYR A 47 -4.55 -12.45 -21.15
CA TYR A 47 -5.93 -12.81 -20.83
C TYR A 47 -6.18 -14.31 -21.01
N GLN A 48 -7.32 -14.71 -20.46
CA GLN A 48 -7.69 -16.14 -20.55
C GLN A 48 -6.57 -16.91 -19.84
N ASP A 49 -5.41 -16.26 -19.72
CA ASP A 49 -4.22 -16.89 -19.13
C ASP A 49 -3.01 -16.93 -20.07
N ASN A 50 -3.25 -17.07 -21.35
CA ASN A 50 -2.17 -17.23 -22.34
C ASN A 50 -2.44 -16.47 -23.63
N ARG A 51 -3.70 -16.13 -23.80
CA ARG A 51 -4.18 -15.39 -24.95
C ARG A 51 -3.79 -13.92 -24.73
N ARG A 52 -3.07 -13.44 -25.69
CA ARG A 52 -2.59 -12.07 -25.75
C ARG A 52 -3.66 -11.29 -26.56
N PRO A 53 -3.92 -10.08 -26.09
CA PRO A 53 -4.89 -9.19 -26.82
C PRO A 53 -4.08 -8.64 -27.99
N SER A 54 -4.53 -7.74 -28.83
CA SER A 54 -3.79 -7.22 -29.97
C SER A 54 -2.89 -6.01 -29.88
N GLY A 55 -1.92 -6.04 -30.77
CA GLY A 55 -0.91 -5.01 -30.93
C GLY A 55 0.26 -5.30 -30.00
N ILE A 56 0.02 -6.22 -29.08
CA ILE A 56 1.05 -6.59 -28.09
C ILE A 56 1.94 -7.71 -28.68
N PRO A 57 3.21 -7.60 -28.35
CA PRO A 57 4.20 -8.59 -28.82
C PRO A 57 4.08 -9.89 -28.05
N GLU A 58 4.90 -10.85 -28.44
CA GLU A 58 4.91 -12.18 -27.79
C GLU A 58 6.13 -12.40 -26.93
N ARG A 59 6.64 -11.29 -26.40
CA ARG A 59 7.80 -11.33 -25.48
C ARG A 59 7.17 -11.65 -24.10
N PHE A 60 5.86 -11.46 -24.18
CA PHE A 60 4.92 -11.67 -23.09
C PHE A 60 4.33 -13.06 -23.29
N SER A 61 3.99 -13.64 -22.18
CA SER A 61 3.38 -15.02 -22.23
C SER A 61 2.96 -15.27 -20.80
N GLY A 62 1.86 -15.94 -20.56
CA GLY A 62 1.39 -16.18 -19.16
C GLY A 62 0.92 -17.63 -19.09
N SER A 63 0.85 -18.25 -17.93
CA SER A 63 0.45 -19.67 -17.86
C SER A 63 -0.23 -20.14 -16.59
N SER A 64 -0.68 -21.43 -16.59
CA SER A 64 -1.40 -21.94 -15.43
C SER A 64 -1.26 -23.39 -14.98
N SER A 65 -0.13 -23.65 -14.34
CA SER A 65 0.19 -24.95 -13.73
C SER A 65 -0.58 -24.93 -12.39
N GLY A 66 -1.56 -25.80 -12.28
CA GLY A 66 -2.40 -25.94 -11.12
C GLY A 66 -2.76 -24.69 -10.34
N ASN A 67 -1.91 -24.25 -9.41
CA ASN A 67 -2.26 -23.04 -8.62
C ASN A 67 -1.32 -21.90 -8.92
N THR A 68 -0.65 -22.02 -10.06
CA THR A 68 0.30 -20.96 -10.39
C THR A 68 0.08 -20.40 -11.77
N ALA A 69 -0.32 -19.14 -11.73
CA ALA A 69 -0.53 -18.38 -12.98
C ALA A 69 0.80 -17.61 -13.08
N THR A 70 1.60 -17.88 -14.07
CA THR A 70 2.93 -17.20 -14.20
C THR A 70 2.97 -16.24 -15.38
N LEU A 71 3.74 -15.17 -15.23
CA LEU A 71 3.91 -14.14 -16.27
C LEU A 71 5.40 -14.10 -16.62
N THR A 72 5.64 -14.33 -17.89
CA THR A 72 6.94 -14.37 -18.56
C THR A 72 7.18 -13.14 -19.42
N ILE A 73 8.38 -12.62 -19.43
CA ILE A 73 8.71 -11.45 -20.26
C ILE A 73 10.13 -11.73 -20.78
N SER A 74 10.33 -11.54 -22.05
CA SER A 74 11.65 -11.74 -22.69
C SER A 74 12.32 -10.36 -22.92
N GLY A 75 13.61 -10.39 -23.01
CA GLY A 75 14.47 -9.24 -23.26
C GLY A 75 14.06 -7.98 -22.55
N THR A 76 14.10 -8.06 -21.22
CA THR A 76 13.66 -6.90 -20.44
C THR A 76 14.51 -5.66 -20.57
N GLN A 77 13.86 -4.59 -21.00
CA GLN A 77 14.39 -3.24 -21.19
C GLN A 77 13.83 -2.39 -20.01
N THR A 78 14.24 -1.12 -20.01
CA THR A 78 13.75 -0.21 -18.98
C THR A 78 12.23 0.01 -19.19
N LEU A 79 11.88 0.23 -20.45
CA LEU A 79 10.54 0.46 -20.93
C LEU A 79 9.49 -0.45 -20.29
N ASP A 80 9.96 -1.54 -19.74
CA ASP A 80 9.15 -2.61 -19.15
C ASP A 80 8.79 -2.47 -17.68
N GLU A 81 9.51 -1.62 -16.97
CA GLU A 81 9.34 -1.31 -15.56
C GLU A 81 7.93 -0.79 -15.29
N ALA A 82 7.30 -1.47 -14.35
CA ALA A 82 5.92 -1.20 -13.97
C ALA A 82 5.51 -2.08 -12.79
N ASP A 83 4.22 -2.06 -12.52
CA ASP A 83 3.67 -2.86 -11.43
C ASP A 83 2.78 -3.88 -12.18
N TYR A 84 3.07 -5.13 -11.95
CA TYR A 84 2.33 -6.22 -12.59
C TYR A 84 1.30 -6.72 -11.62
N TYR A 85 0.05 -6.59 -12.05
CA TYR A 85 -1.13 -7.02 -11.31
C TYR A 85 -1.67 -8.20 -12.15
N CYS A 86 -2.11 -9.18 -11.41
CA CYS A 86 -2.70 -10.39 -11.97
C CYS A 86 -4.22 -10.36 -11.64
N GLN A 87 -5.04 -10.29 -12.69
CA GLN A 87 -6.50 -10.33 -12.47
C GLN A 87 -6.86 -11.81 -12.60
N VAL A 88 -7.58 -12.33 -11.64
CA VAL A 88 -8.03 -13.69 -11.52
C VAL A 88 -9.58 -13.65 -11.61
N TRP A 89 -10.05 -14.03 -12.77
CA TRP A 89 -11.55 -14.05 -12.91
C TRP A 89 -11.95 -15.40 -12.33
N ASP A 90 -12.67 -15.33 -11.22
CA ASP A 90 -13.08 -16.56 -10.54
C ASP A 90 -14.45 -17.02 -11.04
N SER A 91 -14.37 -17.56 -12.22
CA SER A 91 -15.50 -18.13 -12.94
C SER A 91 -16.81 -17.38 -12.79
N ASN A 92 -17.67 -17.93 -11.98
CA ASN A 92 -19.04 -17.60 -11.62
C ASN A 92 -19.59 -16.18 -11.56
N ALA A 93 -19.02 -15.29 -10.76
CA ALA A 93 -19.42 -13.88 -10.64
C ALA A 93 -18.30 -13.01 -10.06
N SER A 94 -17.41 -13.61 -9.29
CA SER A 94 -16.30 -13.06 -8.52
C SER A 94 -14.88 -13.00 -9.06
N VAL A 95 -14.19 -11.95 -8.60
CA VAL A 95 -12.82 -11.62 -8.91
C VAL A 95 -11.99 -11.19 -7.67
N VAL A 96 -10.71 -11.53 -7.86
CA VAL A 96 -9.65 -11.25 -6.89
C VAL A 96 -8.49 -10.67 -7.70
N PHE A 97 -7.60 -10.01 -7.03
CA PHE A 97 -6.51 -9.35 -7.81
C PHE A 97 -5.29 -9.31 -6.91
N GLY A 98 -4.22 -9.85 -7.45
CA GLY A 98 -2.94 -9.89 -6.72
C GLY A 98 -2.64 -8.41 -6.42
N GLY A 99 -1.76 -8.22 -5.48
CA GLY A 99 -1.28 -6.96 -4.98
C GLY A 99 -0.16 -6.27 -5.72
N GLY A 100 0.44 -6.88 -6.71
CA GLY A 100 1.52 -6.21 -7.48
C GLY A 100 2.85 -6.94 -7.32
N THR A 101 3.81 -6.58 -8.13
CA THR A 101 5.17 -7.09 -8.18
C THR A 101 5.99 -5.98 -8.88
N LYS A 102 6.46 -5.04 -8.09
CA LYS A 102 7.22 -3.91 -8.64
C LYS A 102 8.45 -4.44 -9.37
N LEU A 103 8.25 -4.69 -10.65
CA LEU A 103 9.39 -5.17 -11.47
C LEU A 103 10.31 -3.97 -11.64
N THR A 104 11.56 -4.15 -11.29
CA THR A 104 12.59 -3.10 -11.38
C THR A 104 13.80 -3.71 -12.10
N VAL A 105 14.25 -3.10 -13.16
CA VAL A 105 15.52 -3.61 -13.84
C VAL A 105 16.55 -3.10 -12.85
N LEU A 106 17.62 -3.75 -12.49
CA LEU A 106 18.49 -3.11 -11.43
C LEU A 106 19.04 -1.76 -11.81
N GLY A 107 19.63 -1.04 -10.86
CA GLY A 107 20.20 0.31 -11.24
C GLY A 107 20.78 0.85 -9.92
N GLN A 108 20.89 -0.15 -9.05
CA GLN A 108 21.38 0.05 -7.66
C GLN A 108 21.22 -1.35 -7.03
N PRO A 109 22.15 -1.65 -6.15
CA PRO A 109 22.14 -2.93 -5.42
C PRO A 109 20.76 -3.18 -4.81
N LYS A 110 20.46 -4.44 -4.54
CA LYS A 110 19.21 -4.81 -3.86
C LYS A 110 19.53 -4.73 -2.38
N ALA A 111 18.68 -4.13 -1.56
CA ALA A 111 18.97 -4.01 -0.10
C ALA A 111 17.80 -4.54 0.70
N ALA A 112 17.95 -5.60 1.47
CA ALA A 112 16.88 -6.19 2.28
C ALA A 112 16.59 -5.34 3.51
N PRO A 113 15.38 -5.54 4.03
CA PRO A 113 14.88 -4.72 5.09
C PRO A 113 15.33 -4.86 6.49
N SER A 114 15.62 -3.66 7.01
CA SER A 114 15.97 -3.37 8.39
C SER A 114 14.52 -3.29 8.98
N VAL A 115 14.27 -4.19 9.89
CA VAL A 115 13.00 -4.36 10.57
C VAL A 115 13.17 -4.43 12.08
N THR A 116 12.77 -3.38 12.77
CA THR A 116 12.81 -3.28 14.25
C THR A 116 11.38 -3.37 14.78
N LEU A 117 11.08 -4.10 15.84
CA LEU A 117 9.69 -4.16 16.34
C LEU A 117 9.58 -3.58 17.75
N PHE A 118 8.83 -2.49 17.88
CA PHE A 118 8.63 -1.75 19.12
C PHE A 118 7.33 -2.02 19.86
N PRO A 119 7.44 -2.33 21.13
CA PRO A 119 6.25 -2.54 21.97
C PRO A 119 5.84 -1.16 22.49
N PRO A 120 4.71 -1.12 23.17
CA PRO A 120 4.21 0.12 23.74
C PRO A 120 5.17 0.65 24.81
N SER A 121 5.29 1.97 24.79
CA SER A 121 6.09 2.78 25.72
C SER A 121 5.35 2.85 27.08
N SER A 122 6.18 3.11 28.08
CA SER A 122 5.68 3.24 29.47
C SER A 122 4.54 4.25 29.54
N GLU A 123 4.78 5.39 28.90
CA GLU A 123 3.82 6.49 28.86
C GLU A 123 2.51 6.06 28.21
N GLU A 124 2.68 5.64 26.98
CA GLU A 124 1.53 5.19 26.16
C GLU A 124 0.65 4.37 27.09
N LEU A 125 1.23 3.54 27.93
CA LEU A 125 0.42 2.73 28.83
C LEU A 125 -0.29 3.46 29.95
N GLN A 126 0.29 4.48 30.53
CA GLN A 126 -0.40 5.19 31.64
C GLN A 126 -1.69 5.82 31.09
N ALA A 127 -1.56 6.30 29.89
CA ALA A 127 -2.61 6.95 29.12
C ALA A 127 -3.68 5.92 28.81
N ASN A 128 -3.32 4.68 29.08
CA ASN A 128 -4.29 3.57 28.82
C ASN A 128 -4.38 3.16 27.35
N LYS A 129 -3.34 3.44 26.61
CA LYS A 129 -3.13 3.15 25.19
C LYS A 129 -2.19 1.95 25.01
N ALA A 130 -1.86 1.57 23.82
CA ALA A 130 -1.02 0.42 23.49
C ALA A 130 -0.97 0.21 21.98
N THR A 131 0.17 0.53 21.39
CA THR A 131 0.34 0.40 19.95
C THR A 131 1.65 -0.33 19.60
N LEU A 132 1.49 -1.33 18.75
CA LEU A 132 2.69 -2.07 18.26
C LEU A 132 3.04 -1.27 16.99
N VAL A 133 4.30 -1.12 16.75
CA VAL A 133 4.89 -0.43 15.61
C VAL A 133 6.00 -1.34 15.03
N CYS A 134 5.95 -1.53 13.74
CA CYS A 134 6.95 -2.33 13.00
C CYS A 134 7.68 -1.42 12.02
N LEU A 135 8.89 -0.98 12.34
CA LEU A 135 9.61 -0.09 11.42
C LEU A 135 10.46 -0.93 10.46
N ILE A 136 10.24 -0.70 9.19
CA ILE A 136 10.98 -1.39 8.12
C ILE A 136 11.80 -0.39 7.35
N SER A 137 13.08 -0.19 7.52
CA SER A 137 13.73 0.85 6.68
C SER A 137 14.82 0.24 5.82
N ASP A 138 15.54 1.09 5.14
CA ASP A 138 16.66 0.78 4.27
C ASP A 138 16.43 -0.32 3.25
N PHE A 139 15.25 -0.49 2.70
CA PHE A 139 15.10 -1.56 1.67
C PHE A 139 15.12 -0.97 0.27
N TYR A 140 15.35 -1.82 -0.70
CA TYR A 140 15.39 -1.44 -2.12
C TYR A 140 15.45 -2.73 -2.95
N PRO A 141 14.58 -2.90 -3.92
CA PRO A 141 13.53 -1.95 -4.32
C PRO A 141 12.48 -1.86 -3.23
N GLY A 142 11.64 -0.86 -3.41
CA GLY A 142 10.58 -0.44 -2.53
C GLY A 142 9.29 -1.19 -2.52
N ALA A 143 9.23 -2.33 -1.87
CA ALA A 143 7.97 -3.09 -1.79
C ALA A 143 8.04 -4.18 -0.74
N VAL A 144 7.06 -4.15 0.15
CA VAL A 144 6.99 -5.13 1.24
C VAL A 144 5.62 -5.81 1.26
N THR A 145 5.54 -6.67 2.24
CA THR A 145 4.36 -7.41 2.68
C THR A 145 4.66 -7.57 4.19
N VAL A 146 3.73 -7.05 4.95
CA VAL A 146 3.80 -7.02 6.42
C VAL A 146 2.68 -7.88 6.96
N ALA A 147 3.04 -8.74 7.87
CA ALA A 147 2.08 -9.70 8.46
C ALA A 147 2.20 -9.64 9.96
N TRP A 148 1.12 -9.91 10.63
CA TRP A 148 1.13 -9.87 12.09
C TRP A 148 0.50 -11.20 12.51
N LYS A 149 0.79 -11.52 13.74
CA LYS A 149 0.30 -12.72 14.43
C LYS A 149 0.35 -12.37 15.92
N ALA A 150 -0.40 -13.13 16.65
CA ALA A 150 -0.53 -13.02 18.10
C ALA A 150 -0.67 -14.47 18.58
N ASP A 151 0.42 -14.86 19.22
CA ASP A 151 0.50 -16.27 19.76
C ASP A 151 0.32 -17.17 18.52
N SER A 152 0.99 -16.69 17.45
CA SER A 152 1.04 -17.27 16.12
C SER A 152 -0.21 -17.14 15.26
N SER A 153 -1.32 -16.70 15.80
CA SER A 153 -2.54 -16.53 14.94
C SER A 153 -2.41 -15.18 14.25
N PRO A 154 -2.91 -15.10 13.04
CA PRO A 154 -2.88 -13.88 12.22
C PRO A 154 -3.88 -12.85 12.74
N VAL A 155 -3.58 -11.59 12.43
CA VAL A 155 -4.37 -10.45 12.87
C VAL A 155 -4.67 -9.48 11.74
N LYS A 156 -5.93 -9.49 11.36
CA LYS A 156 -6.39 -8.54 10.31
C LYS A 156 -7.35 -7.66 11.15
N ALA A 157 -6.70 -6.66 11.73
CA ALA A 157 -7.40 -5.72 12.63
C ALA A 157 -6.58 -4.50 13.00
N GLY A 158 -6.80 -3.42 12.27
CA GLY A 158 -6.11 -2.16 12.53
C GLY A 158 -4.65 -2.17 12.12
N VAL A 159 -4.27 -3.26 11.45
CA VAL A 159 -2.85 -3.26 10.98
C VAL A 159 -2.86 -2.10 9.99
N GLU A 160 -1.96 -1.16 10.13
CA GLU A 160 -2.04 -0.04 9.16
C GLU A 160 -0.67 0.24 8.60
N THR A 161 -0.32 -0.57 7.59
CA THR A 161 0.99 -0.42 6.95
C THR A 161 1.08 0.80 6.06
N THR A 162 2.24 1.44 6.05
CA THR A 162 2.37 2.62 5.16
C THR A 162 2.62 2.19 3.71
N THR A 163 3.31 3.09 3.04
CA THR A 163 3.71 3.04 1.66
C THR A 163 5.19 3.46 1.57
N PRO A 164 5.93 2.54 1.04
CA PRO A 164 7.38 2.76 0.88
C PRO A 164 7.64 4.19 0.49
N SER A 165 8.55 4.83 1.21
CA SER A 165 8.93 6.24 0.94
C SER A 165 10.43 6.30 0.70
N LYS A 166 10.87 7.01 -0.33
CA LYS A 166 12.33 7.06 -0.61
C LYS A 166 13.00 7.83 0.51
N GLN A 167 13.71 7.11 1.37
CA GLN A 167 14.44 7.82 2.47
C GLN A 167 15.51 8.61 1.74
N SER A 168 16.18 9.50 2.40
CA SER A 168 17.21 10.39 1.89
C SER A 168 18.46 9.77 1.30
N ASN A 169 18.62 8.48 1.43
CA ASN A 169 19.76 7.72 0.93
C ASN A 169 19.32 6.72 -0.15
N ASN A 170 18.35 7.15 -0.92
CA ASN A 170 17.78 6.43 -2.04
C ASN A 170 17.29 5.03 -1.76
N LYS A 171 17.15 4.65 -0.50
CA LYS A 171 16.55 3.38 -0.08
C LYS A 171 15.14 3.88 0.41
N TYR A 172 14.22 2.97 0.58
CA TYR A 172 12.88 3.32 1.02
C TYR A 172 12.72 3.00 2.49
N ALA A 173 11.63 3.48 3.01
CA ALA A 173 11.21 3.23 4.40
C ALA A 173 9.69 3.10 4.33
N ALA A 174 9.19 2.49 5.37
CA ALA A 174 7.77 2.20 5.56
C ALA A 174 7.59 1.78 7.02
N SER A 175 6.35 1.63 7.40
CA SER A 175 6.00 1.33 8.78
C SER A 175 4.68 0.55 8.75
N SER A 176 4.45 -0.09 9.86
CA SER A 176 3.24 -0.89 10.07
C SER A 176 2.90 -0.73 11.56
N TYR A 177 1.64 -0.71 11.89
CA TYR A 177 1.23 -0.59 13.30
C TYR A 177 -0.06 -1.38 13.51
N LEU A 178 -0.27 -1.71 14.77
CA LEU A 178 -1.40 -2.45 15.27
C LEU A 178 -1.75 -1.71 16.59
N SER A 179 -3.04 -1.54 16.66
CA SER A 179 -3.73 -0.86 17.77
C SER A 179 -4.63 -1.89 18.45
N LEU A 180 -4.30 -2.13 19.70
CA LEU A 180 -4.87 -3.05 20.66
C LEU A 180 -4.92 -2.40 22.06
N THR A 181 -5.69 -3.00 22.94
CA THR A 181 -5.78 -2.44 24.29
C THR A 181 -4.77 -3.13 25.20
N PRO A 182 -4.21 -2.38 26.15
CA PRO A 182 -3.24 -2.85 27.14
C PRO A 182 -3.44 -4.30 27.56
N GLU A 183 -4.66 -4.55 28.02
CA GLU A 183 -5.03 -5.91 28.44
C GLU A 183 -4.79 -6.94 27.38
N GLN A 184 -5.03 -6.66 26.12
CA GLN A 184 -4.81 -7.63 25.03
C GLN A 184 -3.30 -7.94 24.97
N TRP A 185 -2.52 -6.88 24.95
CA TRP A 185 -1.03 -7.04 24.92
C TRP A 185 -0.67 -8.06 26.01
N LYS A 186 -0.88 -7.65 27.24
CA LYS A 186 -0.66 -8.40 28.47
C LYS A 186 -1.26 -9.80 28.49
N SER A 187 -2.19 -10.09 27.60
CA SER A 187 -2.85 -11.40 27.51
C SER A 187 -2.21 -12.35 26.50
N HIS A 188 -1.31 -11.79 25.70
CA HIS A 188 -0.66 -12.58 24.63
C HIS A 188 0.80 -12.79 24.88
N ARG A 189 1.25 -14.03 25.04
CA ARG A 189 2.63 -14.34 25.33
C ARG A 189 3.57 -13.89 24.23
N SER A 190 3.01 -13.48 23.10
CA SER A 190 3.87 -13.01 22.00
C SER A 190 3.16 -12.49 20.77
N TYR A 191 3.74 -11.45 20.19
CA TYR A 191 3.35 -10.77 18.98
C TYR A 191 4.53 -10.67 17.98
N SER A 192 4.21 -10.96 16.74
CA SER A 192 5.10 -11.01 15.61
C SER A 192 4.71 -10.04 14.48
N CYS A 193 5.77 -9.57 13.87
CA CYS A 193 5.71 -8.70 12.67
C CYS A 193 6.49 -9.53 11.62
N GLN A 194 6.03 -9.59 10.40
CA GLN A 194 6.69 -10.37 9.34
C GLN A 194 6.63 -9.58 8.04
N VAL A 195 7.79 -9.22 7.57
CA VAL A 195 8.01 -8.42 6.35
C VAL A 195 8.70 -9.29 5.30
N THR A 196 7.97 -9.58 4.26
CA THR A 196 8.39 -10.40 3.12
C THR A 196 8.80 -9.49 1.97
N HIS A 197 10.05 -9.29 1.68
CA HIS A 197 10.58 -8.40 0.64
C HIS A 197 10.65 -9.07 -0.72
N GLU A 198 11.85 -9.40 -1.18
CA GLU A 198 12.00 -10.07 -2.52
C GLU A 198 12.96 -11.22 -2.28
N GLY A 199 12.39 -12.41 -2.06
CA GLY A 199 13.25 -13.57 -1.74
C GLY A 199 13.33 -13.79 -0.22
N SER A 200 13.85 -12.85 0.55
CA SER A 200 14.05 -12.90 1.98
C SER A 200 13.04 -12.31 2.96
N THR A 201 12.27 -13.17 3.61
CA THR A 201 11.28 -12.87 4.63
C THR A 201 11.95 -12.56 5.96
N VAL A 202 11.40 -11.66 6.76
CA VAL A 202 12.02 -11.35 8.08
C VAL A 202 10.87 -11.23 9.08
N GLU A 203 11.15 -11.53 10.32
CA GLU A 203 10.14 -11.50 11.40
C GLU A 203 10.72 -11.37 12.79
N LYS A 204 10.98 -10.16 13.21
CA LYS A 204 11.52 -9.85 14.56
C LYS A 204 10.40 -10.10 15.56
N THR A 205 10.56 -10.01 16.86
CA THR A 205 9.47 -10.23 17.83
C THR A 205 9.76 -9.68 19.23
N VAL A 206 8.71 -9.21 19.89
CA VAL A 206 8.77 -8.65 21.26
C VAL A 206 7.70 -9.35 22.12
N ALA A 207 7.97 -9.38 23.41
CA ALA A 207 7.01 -9.97 24.37
C ALA A 207 6.75 -8.99 25.50
N PRO A 208 5.61 -9.13 26.15
CA PRO A 208 5.23 -8.27 27.29
C PRO A 208 6.32 -7.90 28.26
N THR A 209 6.15 -6.72 28.85
CA THR A 209 7.11 -6.14 29.84
C THR A 209 6.36 -5.78 31.11
N GLU A 210 7.11 -5.87 32.22
CA GLU A 210 6.48 -5.65 33.52
C GLU A 210 6.88 -4.54 34.46
N CYS A 211 8.10 -4.70 34.97
CA CYS A 211 8.77 -3.86 35.94
C CYS A 211 8.08 -3.86 37.31
N SER A 212 6.76 -3.68 37.27
CA SER A 212 6.04 -3.55 38.55
C SER A 212 4.78 -4.35 38.72
N TYR B 1 -2.07 4.61 -26.02
CA TYR B 1 -3.33 4.84 -26.76
C TYR B 1 -4.47 4.78 -25.74
N GLU B 2 -5.00 5.96 -25.43
CA GLU B 2 -6.07 6.20 -24.46
C GLU B 2 -7.42 6.73 -24.96
N VAL B 3 -8.51 6.19 -24.40
CA VAL B 3 -9.91 6.66 -24.72
C VAL B 3 -10.01 7.96 -23.95
N THR B 4 -10.90 8.91 -24.07
CA THR B 4 -10.72 10.13 -23.23
C THR B 4 -11.48 10.15 -21.94
N GLN B 5 -10.86 10.60 -20.84
CA GLN B 5 -11.47 10.67 -19.50
C GLN B 5 -11.18 12.02 -18.82
N PRO B 6 -12.08 12.44 -17.96
CA PRO B 6 -11.96 13.71 -17.20
C PRO B 6 -11.19 13.37 -15.92
N PRO B 7 -9.98 13.91 -15.81
CA PRO B 7 -9.02 13.71 -14.75
C PRO B 7 -9.42 13.83 -13.29
N SER B 8 -10.31 14.77 -13.01
CA SER B 8 -10.82 15.07 -11.68
C SER B 8 -12.34 15.34 -11.71
N LEU B 9 -12.94 15.07 -10.56
CA LEU B 9 -14.36 15.23 -10.30
C LEU B 9 -14.53 15.16 -8.77
N SER B 10 -14.82 16.30 -8.17
CA SER B 10 -15.03 16.54 -6.73
C SER B 10 -16.51 16.60 -6.38
N VAL B 11 -16.90 15.92 -5.31
CA VAL B 11 -18.34 15.83 -4.90
C VAL B 11 -18.50 15.96 -3.41
N SER B 12 -19.52 15.39 -2.82
CA SER B 12 -19.77 15.45 -1.36
C SER B 12 -20.59 14.18 -1.10
N PRO B 13 -20.61 13.71 0.12
CA PRO B 13 -21.30 12.44 0.45
C PRO B 13 -22.74 12.59 0.03
N GLY B 14 -23.50 11.56 -0.13
CA GLY B 14 -24.91 11.65 -0.54
C GLY B 14 -25.18 12.11 -1.97
N GLN B 15 -24.29 12.96 -2.49
CA GLN B 15 -24.45 13.43 -3.88
C GLN B 15 -24.34 12.13 -4.72
N THR B 16 -24.00 12.40 -5.96
CA THR B 16 -23.91 11.32 -6.97
C THR B 16 -22.92 11.77 -8.00
N ALA B 17 -22.09 10.79 -8.35
CA ALA B 17 -21.05 11.10 -9.35
C ALA B 17 -21.25 10.19 -10.56
N ARG B 18 -21.04 10.87 -11.67
CA ARG B 18 -21.14 10.50 -13.05
C ARG B 18 -19.86 10.83 -13.84
N ILE B 19 -19.05 9.80 -13.84
CA ILE B 19 -17.75 9.66 -14.50
C ILE B 19 -18.05 9.02 -15.87
N THR B 20 -17.54 9.61 -16.94
CA THR B 20 -17.88 9.06 -18.26
C THR B 20 -16.67 8.93 -19.15
N CYS B 21 -16.80 8.01 -20.12
CA CYS B 21 -15.71 7.77 -21.08
C CYS B 21 -16.24 8.07 -22.45
N SER B 22 -15.53 8.93 -23.17
CA SER B 22 -16.06 9.21 -24.53
C SER B 22 -14.97 8.78 -25.51
N GLY B 23 -15.29 8.84 -26.79
CA GLY B 23 -14.40 8.51 -27.91
C GLY B 23 -15.21 7.94 -29.06
N GLU B 24 -14.68 8.12 -30.27
CA GLU B 24 -15.37 7.58 -31.46
C GLU B 24 -15.43 6.06 -31.21
N LYS B 25 -16.27 5.41 -31.94
CA LYS B 25 -16.49 3.98 -31.92
C LYS B 25 -16.81 3.39 -30.56
N LEU B 26 -16.85 4.20 -29.51
CA LEU B 26 -17.12 3.66 -28.16
C LEU B 26 -18.25 2.65 -28.19
N GLY B 27 -19.06 2.64 -29.21
CA GLY B 27 -20.19 1.79 -29.45
C GLY B 27 -20.00 0.31 -29.65
N ASP B 28 -18.87 -0.20 -30.13
CA ASP B 28 -18.69 -1.64 -30.36
C ASP B 28 -17.93 -2.33 -29.22
N ALA B 29 -17.74 -1.67 -28.12
CA ALA B 29 -16.93 -2.18 -27.00
C ALA B 29 -17.63 -2.58 -25.73
N TYR B 30 -17.49 -3.81 -25.24
CA TYR B 30 -18.17 -4.14 -23.92
C TYR B 30 -17.42 -3.19 -22.97
N VAL B 31 -17.95 -2.56 -21.95
CA VAL B 31 -17.11 -1.63 -21.15
C VAL B 31 -17.03 -1.98 -19.68
N CYS B 32 -15.89 -1.61 -19.12
CA CYS B 32 -15.54 -1.84 -17.73
C CYS B 32 -14.91 -0.78 -16.89
N TRP B 33 -15.26 -0.83 -15.59
CA TRP B 33 -14.73 0.13 -14.63
C TRP B 33 -13.93 -0.46 -13.49
N TYR B 34 -12.75 0.11 -13.40
CA TYR B 34 -11.78 -0.23 -12.38
C TYR B 34 -11.63 0.98 -11.47
N GLN B 35 -11.44 0.60 -10.23
CA GLN B 35 -11.27 1.50 -9.09
C GLN B 35 -9.91 1.15 -8.49
N GLN B 36 -9.28 2.13 -7.90
CA GLN B 36 -7.94 1.88 -7.30
C GLN B 36 -7.78 2.81 -6.11
N ARG B 37 -7.94 2.29 -4.89
CA ARG B 37 -7.77 3.19 -3.70
C ARG B 37 -6.41 3.83 -3.85
N PRO B 38 -6.30 5.10 -3.53
CA PRO B 38 -5.10 5.94 -3.73
C PRO B 38 -3.93 5.15 -4.23
N GLY B 39 -3.53 4.20 -3.42
CA GLY B 39 -2.45 3.23 -3.72
C GLY B 39 -3.08 1.85 -3.34
N GLN B 40 -3.11 0.93 -4.28
CA GLN B 40 -3.68 -0.40 -4.05
C GLN B 40 -4.08 -1.18 -5.30
N SER B 41 -4.45 -2.42 -5.03
CA SER B 41 -4.83 -3.40 -6.05
C SER B 41 -6.19 -2.94 -6.57
N PRO B 42 -6.27 -2.71 -7.87
CA PRO B 42 -7.52 -2.25 -8.46
C PRO B 42 -8.62 -3.22 -8.04
N VAL B 43 -9.82 -2.72 -8.23
CA VAL B 43 -11.05 -3.48 -7.91
C VAL B 43 -11.93 -3.39 -9.16
N VAL B 44 -12.54 -4.53 -9.47
CA VAL B 44 -13.42 -4.52 -10.69
C VAL B 44 -14.74 -4.00 -10.13
N VAL B 45 -15.33 -2.95 -10.66
CA VAL B 45 -16.61 -2.54 -10.05
C VAL B 45 -17.77 -2.85 -10.97
N ILE B 46 -17.48 -2.78 -12.26
CA ILE B 46 -18.43 -3.03 -13.33
C ILE B 46 -17.78 -3.49 -14.63
N TYR B 47 -18.48 -4.45 -15.22
CA TYR B 47 -18.07 -5.10 -16.45
C TYR B 47 -19.27 -5.38 -17.37
N GLN B 48 -18.91 -5.55 -18.63
CA GLN B 48 -19.85 -5.82 -19.71
C GLN B 48 -20.85 -4.67 -19.78
N ASP B 49 -20.29 -3.49 -19.79
CA ASP B 49 -21.05 -2.24 -19.80
C ASP B 49 -22.03 -2.17 -18.61
N ASN B 50 -22.99 -3.07 -18.59
CA ASN B 50 -24.01 -3.09 -17.52
C ASN B 50 -23.85 -4.01 -16.34
N ARG B 51 -22.77 -4.71 -16.00
CA ARG B 51 -22.86 -5.61 -14.83
C ARG B 51 -21.79 -5.38 -13.77
N ARG B 52 -22.25 -5.70 -12.55
CA ARG B 52 -21.38 -5.60 -11.37
C ARG B 52 -20.99 -6.96 -10.79
N PRO B 53 -19.71 -7.24 -10.89
CA PRO B 53 -19.11 -8.48 -10.34
C PRO B 53 -19.61 -8.67 -8.91
N SER B 54 -19.75 -9.91 -8.47
CA SER B 54 -20.25 -10.14 -7.10
C SER B 54 -19.32 -9.54 -6.07
N GLY B 55 -19.96 -9.00 -5.04
CA GLY B 55 -19.18 -8.40 -3.93
C GLY B 55 -19.37 -6.88 -3.94
N ILE B 56 -19.48 -6.39 -5.17
CA ILE B 56 -19.68 -4.92 -5.32
C ILE B 56 -21.10 -4.56 -4.92
N PRO B 57 -21.24 -3.44 -4.24
CA PRO B 57 -22.58 -2.97 -3.85
C PRO B 57 -23.18 -2.22 -5.05
N GLU B 58 -24.48 -2.25 -5.04
CA GLU B 58 -25.48 -1.72 -5.94
C GLU B 58 -25.61 -0.22 -6.04
N ARG B 59 -24.61 0.54 -5.64
CA ARG B 59 -24.57 1.99 -5.74
C ARG B 59 -23.82 2.39 -7.05
N PHE B 60 -22.99 1.49 -7.54
CA PHE B 60 -22.20 1.79 -8.76
C PHE B 60 -23.00 1.14 -9.90
N SER B 61 -23.31 1.96 -10.87
CA SER B 61 -24.09 1.52 -12.04
C SER B 61 -23.33 1.98 -13.30
N GLY B 62 -23.53 1.23 -14.39
CA GLY B 62 -22.82 1.61 -15.62
C GLY B 62 -23.84 1.72 -16.75
N SER B 63 -23.37 2.24 -17.88
CA SER B 63 -24.16 2.43 -19.10
C SER B 63 -23.30 3.18 -20.13
N SER B 64 -23.89 3.31 -21.29
CA SER B 64 -23.34 3.95 -22.49
C SER B 64 -24.41 4.38 -23.50
N SER B 65 -23.94 5.16 -24.46
CA SER B 65 -24.82 5.63 -25.57
C SER B 65 -24.10 5.07 -26.83
N GLY B 66 -23.74 6.02 -27.65
CA GLY B 66 -22.94 5.70 -28.87
C GLY B 66 -21.53 5.96 -28.24
N ASN B 67 -20.90 6.96 -28.74
CA ASN B 67 -19.57 7.45 -28.31
C ASN B 67 -19.35 7.56 -26.81
N THR B 68 -20.10 6.95 -25.89
CA THR B 68 -19.78 7.15 -24.48
C THR B 68 -20.30 6.17 -23.45
N ALA B 69 -19.48 6.02 -22.41
CA ALA B 69 -19.77 5.16 -21.24
C ALA B 69 -19.91 6.10 -20.04
N THR B 70 -20.52 5.70 -18.95
CA THR B 70 -20.77 6.48 -17.74
C THR B 70 -20.78 5.65 -16.45
N LEU B 71 -20.14 6.17 -15.42
CA LEU B 71 -20.05 5.53 -14.10
C LEU B 71 -20.81 6.38 -13.08
N THR B 72 -21.85 5.77 -12.56
CA THR B 72 -22.72 6.43 -11.60
C THR B 72 -22.86 5.70 -10.28
N ILE B 73 -22.36 6.42 -9.28
CA ILE B 73 -22.43 5.94 -7.90
C ILE B 73 -23.55 6.74 -7.23
N SER B 74 -24.52 6.04 -6.67
CA SER B 74 -25.61 6.75 -5.96
C SER B 74 -25.17 6.79 -4.49
N GLY B 75 -24.92 7.98 -3.95
CA GLY B 75 -24.49 7.99 -2.52
C GLY B 75 -22.98 7.70 -2.55
N THR B 76 -22.29 8.70 -3.06
CA THR B 76 -20.82 8.70 -3.10
C THR B 76 -20.46 8.86 -1.59
N GLN B 77 -19.42 8.16 -1.20
CA GLN B 77 -18.97 8.25 0.23
C GLN B 77 -17.53 8.68 0.17
N THR B 78 -16.90 8.75 1.31
CA THR B 78 -15.46 9.12 1.34
C THR B 78 -14.60 7.92 0.94
N LEU B 79 -15.01 6.76 1.46
CA LEU B 79 -14.32 5.49 1.20
C LEU B 79 -14.62 5.04 -0.21
N ASP B 80 -14.85 6.01 -1.04
CA ASP B 80 -15.14 5.88 -2.46
C ASP B 80 -14.10 6.79 -3.19
N GLU B 81 -13.34 7.45 -2.34
CA GLU B 81 -12.27 8.35 -2.90
C GLU B 81 -11.40 7.33 -3.61
N ALA B 82 -11.22 7.49 -4.90
CA ALA B 82 -10.43 6.43 -5.58
C ALA B 82 -10.03 6.96 -6.93
N ASP B 83 -9.50 6.02 -7.70
CA ASP B 83 -9.06 6.33 -9.08
C ASP B 83 -10.02 5.51 -9.93
N TYR B 84 -10.68 6.19 -10.85
CA TYR B 84 -11.67 5.47 -11.68
C TYR B 84 -11.23 5.47 -13.13
N TYR B 85 -11.10 4.23 -13.63
CA TYR B 85 -10.70 3.91 -14.98
C TYR B 85 -11.76 3.07 -15.71
N CYS B 86 -11.73 3.29 -17.02
CA CYS B 86 -12.62 2.58 -17.93
C CYS B 86 -11.72 1.85 -18.92
N GLN B 87 -12.04 0.59 -19.07
CA GLN B 87 -11.31 -0.31 -20.00
C GLN B 87 -12.21 -0.48 -21.24
N VAL B 88 -11.65 -0.19 -22.41
CA VAL B 88 -12.44 -0.32 -23.64
C VAL B 88 -11.99 -1.59 -24.35
N TRP B 89 -12.93 -2.50 -24.51
CA TRP B 89 -12.76 -3.81 -25.15
C TRP B 89 -13.59 -3.92 -26.44
N ASP B 90 -12.91 -3.77 -27.55
CA ASP B 90 -13.45 -3.87 -28.91
C ASP B 90 -13.21 -5.33 -29.31
N SER B 91 -14.04 -5.80 -30.19
CA SER B 91 -14.08 -7.16 -30.73
C SER B 91 -12.73 -7.81 -31.04
N ASN B 92 -11.95 -7.17 -31.89
CA ASN B 92 -10.66 -7.59 -32.38
C ASN B 92 -9.54 -7.75 -31.37
N ALA B 93 -9.82 -8.11 -30.14
CA ALA B 93 -8.80 -8.33 -29.11
C ALA B 93 -8.21 -7.03 -28.62
N SER B 94 -8.49 -5.93 -29.26
CA SER B 94 -8.06 -4.57 -28.93
C SER B 94 -8.78 -4.11 -27.65
N VAL B 95 -8.08 -3.50 -26.74
CA VAL B 95 -8.52 -3.00 -25.43
C VAL B 95 -7.76 -1.70 -25.11
N VAL B 96 -8.47 -0.75 -24.53
CA VAL B 96 -7.87 0.54 -24.16
C VAL B 96 -8.37 1.03 -22.81
N PHE B 97 -7.67 2.03 -22.30
CA PHE B 97 -8.00 2.64 -21.00
C PHE B 97 -7.95 4.18 -21.16
N GLY B 98 -8.84 4.80 -20.40
CA GLY B 98 -8.90 6.29 -20.37
C GLY B 98 -7.87 6.58 -19.25
N GLY B 99 -7.08 7.60 -19.38
CA GLY B 99 -6.07 7.94 -18.38
C GLY B 99 -6.59 8.37 -17.01
N GLY B 100 -7.48 7.60 -16.44
CA GLY B 100 -8.09 7.77 -15.15
C GLY B 100 -8.75 9.11 -14.88
N THR B 101 -9.52 9.12 -13.81
CA THR B 101 -10.32 10.15 -13.23
C THR B 101 -10.26 10.11 -11.70
N LYS B 102 -9.94 11.20 -11.07
CA LYS B 102 -9.82 11.27 -9.59
C LYS B 102 -11.10 11.81 -8.97
N LEU B 103 -11.68 11.06 -8.09
CA LEU B 103 -12.90 11.44 -7.39
C LEU B 103 -12.53 11.80 -5.94
N THR B 104 -12.37 13.07 -5.69
CA THR B 104 -12.10 13.60 -4.35
C THR B 104 -13.45 13.98 -3.72
N VAL B 105 -13.70 13.42 -2.56
CA VAL B 105 -14.99 13.71 -1.86
C VAL B 105 -14.76 14.94 -1.00
N LEU B 106 -15.74 15.87 -1.02
CA LEU B 106 -15.62 17.10 -0.22
C LEU B 106 -16.22 16.95 1.19
N GLY B 107 -15.77 17.97 1.94
CA GLY B 107 -16.14 18.14 3.32
C GLY B 107 -15.69 17.03 4.25
N GLN B 108 -14.38 16.84 4.39
CA GLN B 108 -13.86 15.83 5.35
C GLN B 108 -13.29 16.69 6.51
N PRO B 109 -13.73 16.36 7.70
CA PRO B 109 -13.32 17.13 8.88
C PRO B 109 -11.80 17.12 8.99
N LYS B 110 -11.30 18.31 9.32
CA LYS B 110 -9.81 18.37 9.53
C LYS B 110 -9.63 17.44 10.72
N ALA B 111 -8.48 16.83 10.80
CA ALA B 111 -8.12 15.84 11.83
C ALA B 111 -6.68 16.10 12.29
N ALA B 112 -6.63 16.14 13.59
CA ALA B 112 -5.41 16.41 14.38
C ALA B 112 -4.70 15.08 14.51
N PRO B 113 -3.40 15.10 14.35
CA PRO B 113 -2.59 13.89 14.38
C PRO B 113 -2.35 13.32 15.75
N SER B 114 -2.44 12.00 15.82
CA SER B 114 -2.12 11.31 17.10
C SER B 114 -0.58 11.05 16.93
N VAL B 115 0.15 11.90 17.65
CA VAL B 115 1.63 11.80 17.65
C VAL B 115 2.03 10.75 18.71
N THR B 116 2.89 9.82 18.35
CA THR B 116 3.33 8.78 19.34
C THR B 116 4.83 8.60 19.18
N LEU B 117 5.57 8.70 20.25
CA LEU B 117 7.03 8.61 20.38
C LEU B 117 7.46 7.33 21.10
N PHE B 118 8.31 6.53 20.48
CA PHE B 118 8.77 5.26 21.05
C PHE B 118 10.30 5.23 21.12
N PRO B 119 10.84 4.81 22.27
CA PRO B 119 12.28 4.67 22.49
C PRO B 119 12.71 3.26 22.04
N PRO B 120 14.00 3.07 21.89
CA PRO B 120 14.58 1.79 21.49
C PRO B 120 14.23 0.69 22.49
N SER B 121 13.76 -0.37 21.87
CA SER B 121 13.37 -1.60 22.53
C SER B 121 14.72 -2.31 22.80
N SER B 122 14.74 -3.04 23.89
CA SER B 122 15.84 -3.80 24.43
C SER B 122 16.71 -4.44 23.37
N GLU B 123 16.06 -5.30 22.61
CA GLU B 123 16.75 -6.06 21.57
C GLU B 123 17.76 -5.20 20.85
N GLU B 124 17.26 -4.03 20.47
CA GLU B 124 18.15 -3.10 19.78
C GLU B 124 19.30 -2.71 20.70
N LEU B 125 19.04 -2.44 21.95
CA LEU B 125 20.12 -2.03 22.89
C LEU B 125 21.05 -3.21 23.15
N GLN B 126 20.44 -4.37 23.12
CA GLN B 126 21.10 -5.68 23.29
C GLN B 126 21.91 -5.98 22.02
N ALA B 127 21.62 -5.20 20.96
CA ALA B 127 22.29 -5.28 19.67
C ALA B 127 23.23 -4.08 19.48
N ASN B 128 23.20 -3.21 20.46
CA ASN B 128 24.02 -1.98 20.49
C ASN B 128 23.56 -0.98 19.43
N LYS B 129 22.26 -0.89 19.28
CA LYS B 129 21.61 0.02 18.31
C LYS B 129 20.48 0.62 19.14
N ALA B 130 20.07 1.78 18.71
CA ALA B 130 18.98 2.56 19.34
C ALA B 130 18.25 3.33 18.23
N THR B 131 16.94 3.31 18.30
CA THR B 131 16.08 4.02 17.32
C THR B 131 14.84 4.55 18.01
N LEU B 132 14.46 5.77 17.65
CA LEU B 132 13.28 6.42 18.23
C LEU B 132 12.32 6.54 17.03
N VAL B 133 11.09 6.28 17.32
CA VAL B 133 10.10 6.35 16.21
C VAL B 133 8.88 7.15 16.69
N CYS B 134 8.50 8.01 15.79
CA CYS B 134 7.40 8.95 15.95
C CYS B 134 6.31 8.75 14.90
N LEU B 135 5.27 8.08 15.34
CA LEU B 135 4.10 7.74 14.54
C LEU B 135 3.07 8.85 14.50
N ILE B 136 3.00 9.40 13.29
CA ILE B 136 2.04 10.45 12.97
C ILE B 136 0.88 9.72 12.27
N SER B 137 -0.12 9.34 13.04
CA SER B 137 -1.26 8.61 12.48
C SER B 137 -2.51 9.48 12.51
N ASP B 138 -3.56 9.03 11.86
CA ASP B 138 -4.86 9.64 11.73
C ASP B 138 -5.00 11.06 11.22
N PHE B 139 -3.98 11.80 10.87
CA PHE B 139 -4.16 13.17 10.35
C PHE B 139 -4.93 13.17 9.02
N TYR B 140 -5.29 14.37 8.58
CA TYR B 140 -6.01 14.78 7.41
C TYR B 140 -6.10 16.31 7.40
N PRO B 141 -5.57 16.99 6.41
CA PRO B 141 -4.91 16.56 5.22
C PRO B 141 -3.51 15.97 5.30
N GLY B 142 -3.19 15.34 4.17
CA GLY B 142 -1.94 14.62 3.96
C GLY B 142 -0.73 15.55 3.96
N ALA B 143 -0.50 16.13 5.12
CA ALA B 143 0.66 17.05 5.22
C ALA B 143 1.08 17.23 6.67
N VAL B 144 2.33 16.90 6.97
CA VAL B 144 2.85 17.08 8.32
C VAL B 144 4.27 17.66 8.27
N THR B 145 4.70 18.19 9.39
CA THR B 145 6.01 18.82 9.56
C THR B 145 6.69 18.27 10.80
N VAL B 146 7.81 17.56 10.63
CA VAL B 146 8.45 17.06 11.86
C VAL B 146 9.80 17.72 12.14
N ALA B 147 10.05 17.64 13.44
CA ALA B 147 11.30 18.22 13.92
C ALA B 147 11.61 17.46 15.20
N TRP B 148 12.86 17.02 15.22
CA TRP B 148 13.35 16.29 16.38
C TRP B 148 14.11 17.30 17.24
N LYS B 149 14.07 17.02 18.52
CA LYS B 149 14.74 17.75 19.58
C LYS B 149 15.26 16.69 20.58
N ALA B 150 16.44 17.03 21.03
CA ALA B 150 17.24 16.32 21.99
C ALA B 150 17.54 17.24 23.17
N ASP B 151 16.70 17.03 24.17
CA ASP B 151 16.92 17.79 25.45
C ASP B 151 17.38 19.19 25.11
N SER B 152 16.46 19.97 24.56
CA SER B 152 16.67 21.37 24.21
C SER B 152 17.35 21.66 22.86
N SER B 153 18.31 20.81 22.52
CA SER B 153 19.01 21.06 21.24
C SER B 153 18.18 20.37 20.15
N PRO B 154 18.28 20.94 19.00
CA PRO B 154 17.61 20.33 17.83
C PRO B 154 18.56 19.23 17.30
N VAL B 155 17.94 18.16 16.83
CA VAL B 155 18.59 17.01 16.22
C VAL B 155 18.39 17.13 14.69
N LYS B 156 19.33 17.74 14.03
CA LYS B 156 19.31 17.95 12.58
C LYS B 156 19.37 16.60 11.85
N ALA B 157 20.52 16.01 12.03
CA ALA B 157 21.05 14.78 11.53
C ALA B 157 20.72 13.57 12.38
N GLY B 158 20.12 12.62 11.66
CA GLY B 158 19.70 11.32 12.15
C GLY B 158 18.24 11.06 11.77
N VAL B 159 17.60 12.06 11.21
CA VAL B 159 16.20 12.04 10.85
C VAL B 159 15.77 11.66 9.43
N GLU B 160 14.77 10.79 9.42
CA GLU B 160 14.07 10.24 8.25
C GLU B 160 12.58 10.28 8.53
N THR B 161 11.79 10.79 7.62
CA THR B 161 10.35 10.92 7.74
C THR B 161 9.59 10.45 6.50
N THR B 162 8.61 9.57 6.76
CA THR B 162 7.70 9.05 5.78
C THR B 162 6.89 10.25 5.25
N THR B 163 6.83 10.23 3.94
CA THR B 163 5.97 11.26 3.26
C THR B 163 4.61 10.56 3.53
N PRO B 164 3.65 11.34 3.96
CA PRO B 164 2.32 10.80 4.30
C PRO B 164 1.72 9.88 3.26
N SER B 165 1.08 8.85 3.80
CA SER B 165 0.38 7.80 3.06
C SER B 165 -1.06 7.73 3.59
N LYS B 166 -1.96 7.23 2.75
CA LYS B 166 -3.39 7.13 3.03
C LYS B 166 -3.93 5.85 3.61
N GLN B 167 -4.19 5.86 4.91
CA GLN B 167 -4.75 4.74 5.68
C GLN B 167 -6.09 4.34 5.05
N SER B 168 -6.72 3.34 5.59
CA SER B 168 -8.00 2.76 5.19
C SER B 168 -9.26 3.56 5.56
N ASN B 169 -9.06 4.70 6.18
CA ASN B 169 -10.19 5.55 6.63
C ASN B 169 -10.08 6.94 6.06
N ASN B 170 -9.22 7.12 5.07
CA ASN B 170 -9.04 8.42 4.40
C ASN B 170 -8.16 9.32 5.28
N LYS B 171 -7.56 8.67 6.25
CA LYS B 171 -6.64 9.40 7.14
C LYS B 171 -5.25 8.91 6.76
N TYR B 172 -4.32 9.80 6.90
CA TYR B 172 -2.94 9.57 6.60
C TYR B 172 -2.16 9.11 7.84
N ALA B 173 -0.92 8.82 7.48
CA ALA B 173 0.15 8.37 8.35
C ALA B 173 1.47 8.79 7.70
N ALA B 174 2.43 8.91 8.59
CA ALA B 174 3.84 9.22 8.33
C ALA B 174 4.56 8.69 9.60
N SER B 175 5.87 8.69 9.58
CA SER B 175 6.73 8.26 10.66
C SER B 175 8.04 9.04 10.51
N SER B 176 8.71 9.01 11.63
CA SER B 176 10.04 9.59 11.75
C SER B 176 10.85 8.55 12.52
N TYR B 177 12.10 8.48 12.15
CA TYR B 177 13.09 7.61 12.76
C TYR B 177 14.36 8.50 12.79
N LEU B 178 14.92 8.35 13.94
CA LEU B 178 16.15 8.98 14.40
C LEU B 178 16.97 7.79 14.92
N SER B 179 18.19 7.72 14.48
CA SER B 179 19.05 6.58 14.91
C SER B 179 20.14 7.15 15.80
N LEU B 180 20.60 6.33 16.73
CA LEU B 180 21.68 6.76 17.63
C LEU B 180 22.25 5.44 18.23
N THR B 181 23.38 5.68 18.86
CA THR B 181 24.16 4.74 19.62
C THR B 181 23.54 4.78 21.03
N PRO B 182 23.55 3.68 21.70
CA PRO B 182 23.07 3.65 23.09
C PRO B 182 23.95 4.59 23.90
N GLU B 183 24.83 5.30 23.22
CA GLU B 183 25.76 6.30 23.74
C GLU B 183 25.09 7.69 23.69
N GLN B 184 24.26 7.82 22.69
CA GLN B 184 23.47 9.01 22.40
C GLN B 184 22.19 9.00 23.21
N TRP B 185 21.61 7.82 23.32
CA TRP B 185 20.33 7.62 24.04
C TRP B 185 20.43 8.04 25.49
N LYS B 186 21.05 7.16 26.26
CA LYS B 186 21.28 7.31 27.70
C LYS B 186 22.39 8.33 27.92
N SER B 187 22.09 9.56 27.59
CA SER B 187 22.98 10.72 27.77
C SER B 187 22.07 11.95 28.00
N HIS B 188 21.27 12.24 26.99
CA HIS B 188 20.32 13.36 27.07
C HIS B 188 19.30 13.01 28.13
N ARG B 189 18.70 14.05 28.69
CA ARG B 189 17.71 13.76 29.74
C ARG B 189 16.45 13.31 29.01
N SER B 190 16.37 13.84 27.77
CA SER B 190 15.22 13.58 26.90
C SER B 190 15.40 13.82 25.41
N TYR B 191 14.42 13.28 24.69
CA TYR B 191 14.31 13.36 23.23
C TYR B 191 12.86 13.63 22.87
N SER B 192 12.61 14.69 22.14
CA SER B 192 11.25 15.05 21.76
C SER B 192 11.02 15.02 20.25
N CYS B 193 9.73 14.97 19.96
CA CYS B 193 9.26 14.95 18.56
C CYS B 193 8.12 15.96 18.44
N GLN B 194 8.40 17.01 17.69
CA GLN B 194 7.45 18.11 17.43
C GLN B 194 6.72 17.83 16.10
N VAL B 195 5.42 17.91 16.09
CA VAL B 195 4.59 17.68 14.91
C VAL B 195 3.44 18.71 14.82
N THR B 196 3.58 19.54 13.81
CA THR B 196 2.73 20.65 13.44
C THR B 196 1.80 20.26 12.31
N HIS B 197 0.51 20.19 12.62
CA HIS B 197 -0.44 19.85 11.56
C HIS B 197 -0.61 21.16 10.76
N GLU B 198 -1.57 21.94 11.23
CA GLU B 198 -1.90 23.24 10.63
C GLU B 198 -2.92 24.00 11.51
N GLY B 199 -2.26 24.75 12.39
CA GLY B 199 -2.86 25.57 13.45
C GLY B 199 -2.15 25.06 14.74
N SER B 200 -2.46 23.83 15.08
CA SER B 200 -1.90 23.18 16.24
C SER B 200 -0.53 22.55 16.00
N THR B 201 0.15 22.37 17.12
CA THR B 201 1.45 21.72 17.20
C THR B 201 1.28 20.70 18.35
N VAL B 202 2.09 19.68 18.34
CA VAL B 202 2.11 18.63 19.35
C VAL B 202 3.61 18.21 19.43
N GLU B 203 3.93 17.96 20.67
CA GLU B 203 5.24 17.57 21.13
C GLU B 203 5.10 16.56 22.27
N LYS B 204 5.53 15.35 21.94
CA LYS B 204 5.58 14.22 22.87
C LYS B 204 7.08 13.95 23.00
N THR B 205 7.43 13.27 24.07
CA THR B 205 8.86 13.05 24.34
C THR B 205 9.04 11.79 25.15
N VAL B 206 10.32 11.41 25.25
CA VAL B 206 10.66 10.21 26.01
C VAL B 206 11.91 10.50 26.84
N ALA B 207 11.99 9.68 27.87
CA ALA B 207 13.11 9.72 28.79
C ALA B 207 13.57 8.26 29.04
N PRO B 208 14.89 8.13 28.97
CA PRO B 208 15.55 6.86 29.19
C PRO B 208 15.08 6.07 30.39
N THR B 209 13.98 6.39 31.04
CA THR B 209 13.43 5.66 32.22
C THR B 209 12.50 4.50 31.84
N GLU B 210 12.86 3.88 30.74
CA GLU B 210 12.32 2.81 29.94
C GLU B 210 11.87 1.51 30.56
N CYS B 211 11.51 1.53 31.82
CA CYS B 211 11.00 0.39 32.64
C CYS B 211 11.62 -0.97 32.38
N SER B 212 10.90 -2.02 32.79
CA SER B 212 11.33 -3.43 32.63
C SER B 212 10.21 -4.45 32.91
#